data_6IGU
#
_entry.id   6IGU
#
_cell.length_a   154.436
_cell.length_b   60.142
_cell.length_c   56.080
_cell.angle_alpha   90.00
_cell.angle_beta   108.43
_cell.angle_gamma   90.00
#
_symmetry.space_group_name_H-M   'C 1 2 1'
#
loop_
_entity.id
_entity.type
_entity.pdbx_description
1 polymer 'IMMUNOGLOBULIN 9C10 L CHAIN'
2 polymer 'IMMUNOGLOBULIN 9C10 H CHAIN'
3 non-polymer 2-[BIS-(2-HYDROXY-ETHYL)-AMINO]-2-HYDROXYMETHYL-PROPANE-1,3-DIOL
4 non-polymer 'TRIETHYLENE GLYCOL'
5 water water
#
loop_
_entity_poly.entity_id
_entity_poly.type
_entity_poly.pdbx_seq_one_letter_code
_entity_poly.pdbx_strand_id
1 'polypeptide(L)'
;DLLMAQTPLSLPVSLGDQASISCRSSQSLVHSSGNTYLEWYLQKPGQSPKLLIYKISNRFSGVPDRFSGSGSGTDFTLKI
SRVEAEDLGVYYCFQTSHVPPTFGGGTKLEIKRADAAPTVSIFPPSSEQLTSGGASVVCFLNNFYPKDINVKWKIDGSER
QNGVLNSWTDQDSKDSTYSMSSTLTLTKDEYERHNSYTCEATHKTSTSPIVKSFNRNEC
;
L
2 'polypeptide(L)'
;EVMLVESGGGLVKPGGSLKLSCAASEFTFSTYIMSWVRQTPEKRLEWVATISSSGTYTYYRDSVKGRFTVSRDNANNILY
LQMSSLRSEDTALYYCARRDYYDGFTYWGQGTLVTVSAAKTTPPSVYPLAPGSAAQTNSMVTLGCLVKGYFPEPVTVTWN
SGSLSSGVHTFPAVLQSDLYTLSSSVTVPSSTWPSETVTCNVAHPASSTKVDKKIVPRDC
;
H
#
loop_
_chem_comp.id
_chem_comp.type
_chem_comp.name
_chem_comp.formula
BTB non-polymer 2-[BIS-(2-HYDROXY-ETHYL)-AMINO]-2-HYDROXYMETHYL-PROPANE-1,3-DIOL 'C8 H19 N O5'
PGE non-polymer 'TRIETHYLENE GLYCOL' 'C6 H14 O4'
#
# COMPACT_ATOMS: atom_id res chain seq x y z
N ASP A 1 27.84 10.22 5.31
CA ASP A 1 27.63 9.06 4.40
C ASP A 1 27.19 9.59 3.06
N LEU A 2 27.10 8.73 2.08
CA LEU A 2 26.59 9.12 0.80
C LEU A 2 25.09 9.24 0.92
N LEU A 3 24.55 10.44 0.73
CA LEU A 3 23.11 10.66 0.84
C LEU A 3 22.56 11.05 -0.50
N MET A 4 21.31 10.68 -0.78
CA MET A 4 20.72 10.99 -2.06
C MET A 4 19.43 11.74 -1.84
N ALA A 5 19.29 12.90 -2.47
CA ALA A 5 18.12 13.75 -2.30
C ALA A 5 17.34 13.80 -3.60
N GLN A 6 16.05 13.46 -3.55
CA GLN A 6 15.17 13.61 -4.70
C GLN A 6 14.30 14.81 -4.63
N THR A 7 14.08 15.38 -5.81
CA THR A 7 13.19 16.49 -5.97
C THR A 7 12.49 16.46 -7.35
N PRO A 8 11.22 16.89 -7.41
CA PRO A 8 10.39 17.29 -6.26
C PRO A 8 9.91 16.08 -5.48
N LEU A 9 9.33 16.35 -4.31
CA LEU A 9 8.76 15.30 -3.49
C LEU A 9 7.49 14.74 -4.11
N SER A 10 6.74 15.60 -4.78
CA SER A 10 5.55 15.19 -5.48
C SER A 10 5.48 15.97 -6.77
N LEU A 11 5.02 15.32 -7.83
CA LEU A 11 5.12 15.87 -9.17
C LEU A 11 3.78 15.70 -9.88
N PRO A 12 2.99 16.79 -9.88
CA PRO A 12 1.71 16.72 -10.57
C PRO A 12 1.91 16.99 -12.04
N VAL A 13 1.40 16.13 -12.91
CA VAL A 13 1.56 16.34 -14.32
C VAL A 13 0.42 15.77 -15.08
N SER A 14 0.09 16.40 -16.20
CA SER A 14 -1.05 15.98 -17.01
C SER A 14 -0.65 14.89 -17.99
N LEU A 15 -1.59 14.04 -18.35
CA LEU A 15 -1.39 13.07 -19.39
C LEU A 15 -0.78 13.63 -20.68
N GLY A 16 0.06 12.81 -21.32
CA GLY A 16 0.79 13.20 -22.54
C GLY A 16 1.89 14.23 -22.39
N ASP A 17 1.96 14.88 -21.23
CA ASP A 17 2.97 15.92 -20.94
C ASP A 17 4.31 15.29 -20.45
N GLN A 18 5.30 16.13 -20.22
CA GLN A 18 6.62 15.68 -19.82
C GLN A 18 6.85 15.91 -18.34
N ALA A 19 7.53 14.94 -17.73
CA ALA A 19 7.94 15.05 -16.34
C ALA A 19 9.43 14.75 -16.23
N SER A 20 10.10 15.49 -15.35
CA SER A 20 11.45 15.15 -15.05
C SER A 20 11.65 15.11 -13.52
N ILE A 21 12.39 14.11 -13.05
CA ILE A 21 12.61 13.89 -11.63
C ILE A 21 14.12 13.90 -11.44
N SER A 22 14.57 14.58 -10.41
CA SER A 22 15.98 14.69 -10.21
C SER A 22 16.48 14.07 -8.90
N CYS A 23 17.70 13.60 -8.99
CA CYS A 23 18.33 12.93 -7.87
C CYS A 23 19.72 13.50 -7.71
N ARG A 24 20.04 13.92 -6.52
CA ARG A 24 21.28 14.55 -6.24
C ARG A 24 21.98 13.87 -5.08
N SER A 25 23.25 13.55 -5.25
CA SER A 25 23.97 12.87 -4.21
C SER A 25 24.87 13.84 -3.53
N SER A 26 25.25 13.50 -2.32
CA SER A 26 26.07 14.37 -1.48
C SER A 26 27.53 14.32 -1.88
N GLN A 27 27.94 13.30 -2.63
CA GLN A 27 29.31 13.19 -3.19
C GLN A 27 29.18 12.56 -4.57
N SER A 28 30.23 12.68 -5.38
CA SER A 28 30.26 12.09 -6.72
C SER A 28 29.95 10.60 -6.65
N LEU A 29 29.02 10.17 -7.47
CA LEU A 29 28.79 8.74 -7.70
C LEU A 29 29.73 8.05 -8.68
N VAL A 30 30.84 8.67 -9.04
CA VAL A 30 31.77 8.05 -9.98
C VAL A 30 32.54 7.07 -9.15
N HIS A 31 32.41 5.79 -9.44
CA HIS A 31 33.15 4.75 -8.74
C HIS A 31 34.64 4.81 -9.15
N SER A 32 35.49 4.19 -8.33
CA SER A 32 36.95 4.15 -8.53
C SER A 32 37.31 3.55 -9.86
N SER A 33 36.45 2.67 -10.39
CA SER A 33 36.58 2.18 -11.76
C SER A 33 36.25 3.16 -12.87
N GLY A 34 35.72 4.35 -12.53
CA GLY A 34 35.18 5.27 -13.55
C GLY A 34 33.72 5.00 -13.89
N ASN A 35 33.15 3.94 -13.33
CA ASN A 35 31.75 3.69 -13.63
C ASN A 35 30.84 4.40 -12.67
N THR A 36 29.56 4.53 -13.03
CA THR A 36 28.55 5.16 -12.18
C THR A 36 27.36 4.23 -12.09
N TYR A 37 27.06 3.71 -10.89
CA TYR A 37 26.05 2.69 -10.64
C TYR A 37 24.81 3.32 -10.03
N LEU A 38 24.08 4.03 -10.89
CA LEU A 38 22.85 4.72 -10.55
C LEU A 38 21.68 4.10 -11.31
N GLU A 39 20.63 3.77 -10.54
CA GLU A 39 19.45 3.04 -11.04
C GLU A 39 18.23 3.79 -10.66
N TRP A 40 17.17 3.51 -11.38
CA TRP A 40 15.85 4.05 -11.07
C TRP A 40 14.86 2.98 -11.01
N TYR A 41 13.94 3.11 -10.06
CA TYR A 41 12.86 2.17 -9.82
C TYR A 41 11.50 2.88 -9.78
N LEU A 42 10.46 2.18 -10.19
CA LEU A 42 9.09 2.69 -10.10
C LEU A 42 8.30 1.71 -9.20
N GLN A 43 7.70 2.21 -8.14
CA GLN A 43 6.72 1.41 -7.41
C GLN A 43 5.30 1.92 -7.65
N LYS A 44 4.57 1.16 -8.41
CA LYS A 44 3.16 1.43 -8.61
C LYS A 44 2.34 1.04 -7.37
N PRO A 45 1.23 1.74 -7.13
CA PRO A 45 0.48 1.46 -5.89
C PRO A 45 0.01 -0.01 -5.79
N GLY A 46 0.10 -0.59 -4.61
CA GLY A 46 -0.06 -2.05 -4.44
C GLY A 46 0.90 -3.00 -5.17
N GLN A 47 2.02 -2.52 -5.70
CA GLN A 47 2.96 -3.46 -6.35
C GLN A 47 4.30 -3.42 -5.69
N SER A 48 5.13 -4.36 -6.05
CA SER A 48 6.54 -4.30 -5.69
C SER A 48 7.25 -3.30 -6.59
N PRO A 49 8.39 -2.74 -6.13
CA PRO A 49 9.16 -1.90 -7.01
C PRO A 49 9.61 -2.62 -8.29
N LYS A 50 9.75 -1.82 -9.34
CA LYS A 50 10.16 -2.29 -10.65
C LYS A 50 11.40 -1.54 -11.13
N LEU A 51 12.38 -2.25 -11.69
CA LEU A 51 13.56 -1.60 -12.25
C LEU A 51 13.20 -0.95 -13.57
N LEU A 52 13.56 0.30 -13.74
CA LEU A 52 13.41 1.01 -15.02
C LEU A 52 14.78 1.21 -15.72
N ILE A 53 15.74 1.78 -14.99
CA ILE A 53 17.03 2.19 -15.56
C ILE A 53 18.17 1.67 -14.67
N TYR A 54 19.28 1.25 -15.30
CA TYR A 54 20.54 0.94 -14.60
C TYR A 54 21.74 1.64 -15.25
N LYS A 55 22.81 1.85 -14.49
CA LYS A 55 23.99 2.48 -15.03
C LYS A 55 23.59 3.76 -15.79
N ILE A 56 22.81 4.60 -15.09
CA ILE A 56 22.37 5.92 -15.51
C ILE A 56 21.29 5.95 -16.60
N SER A 57 21.42 5.17 -17.67
CA SER A 57 20.61 5.41 -18.89
C SER A 57 20.22 4.19 -19.65
N ASN A 58 20.59 3.02 -19.16
CA ASN A 58 20.19 1.79 -19.84
C ASN A 58 18.84 1.40 -19.37
N ARG A 59 17.97 1.03 -20.29
CA ARG A 59 16.57 0.73 -19.93
C ARG A 59 16.47 -0.75 -19.74
N PHE A 60 15.75 -1.17 -18.72
CA PHE A 60 15.64 -2.60 -18.45
C PHE A 60 14.63 -3.17 -19.43
N SER A 61 14.64 -4.47 -19.54
CA SER A 61 13.65 -5.21 -20.34
C SER A 61 12.20 -4.73 -20.21
N GLY A 62 11.54 -4.52 -21.34
CA GLY A 62 10.19 -4.01 -21.39
C GLY A 62 9.98 -2.58 -20.93
N VAL A 63 11.03 -1.77 -20.75
CA VAL A 63 10.84 -0.37 -20.35
C VAL A 63 10.82 0.49 -21.63
N PRO A 64 9.74 1.25 -21.87
CA PRO A 64 9.65 2.05 -23.11
C PRO A 64 10.61 3.19 -23.23
N ASP A 65 10.81 3.60 -24.46
CA ASP A 65 11.70 4.70 -24.81
C ASP A 65 11.35 6.02 -24.19
N ARG A 66 10.10 6.20 -23.78
CA ARG A 66 9.69 7.50 -23.22
C ARG A 66 10.22 7.73 -21.81
N PHE A 67 10.72 6.67 -21.16
CA PHE A 67 11.57 6.82 -19.92
C PHE A 67 13.00 6.99 -20.35
N SER A 68 13.69 7.98 -19.83
CA SER A 68 15.09 7.99 -20.09
C SER A 68 15.84 8.61 -18.92
N GLY A 69 17.04 8.14 -18.75
CA GLY A 69 17.86 8.55 -17.62
C GLY A 69 19.11 9.21 -18.10
N SER A 70 19.55 10.24 -17.41
CA SER A 70 20.80 10.83 -17.75
C SER A 70 21.40 11.42 -16.49
N GLY A 71 22.62 11.90 -16.65
CA GLY A 71 23.31 12.64 -15.61
C GLY A 71 24.74 12.26 -15.51
N SER A 72 25.41 12.87 -14.56
CA SER A 72 26.79 12.52 -14.24
C SER A 72 27.18 13.14 -12.92
N GLY A 73 28.16 12.54 -12.26
CA GLY A 73 28.75 13.13 -11.07
C GLY A 73 27.82 13.03 -9.89
N THR A 74 27.17 14.14 -9.58
CA THR A 74 26.24 14.26 -8.47
C THR A 74 24.79 14.58 -8.89
N ASP A 75 24.50 14.70 -10.19
CA ASP A 75 23.13 15.10 -10.66
C ASP A 75 22.59 14.19 -11.70
N PHE A 76 21.42 13.61 -11.45
CA PHE A 76 20.86 12.62 -12.34
C PHE A 76 19.40 12.92 -12.54
N THR A 77 18.86 12.52 -13.69
CA THR A 77 17.51 12.90 -14.04
C THR A 77 16.88 11.78 -14.77
N LEU A 78 15.66 11.48 -14.36
CA LEU A 78 14.87 10.55 -15.06
C LEU A 78 13.81 11.38 -15.75
N LYS A 79 13.56 11.06 -17.02
CA LYS A 79 12.62 11.80 -17.84
C LYS A 79 11.63 10.86 -18.43
N ILE A 80 10.36 11.28 -18.39
CA ILE A 80 9.25 10.60 -19.03
C ILE A 80 8.74 11.62 -20.05
N SER A 81 8.88 11.28 -21.32
CA SER A 81 8.76 12.30 -22.33
C SER A 81 7.26 12.58 -22.53
N ARG A 82 6.43 11.51 -22.40
CA ARG A 82 4.97 11.58 -22.56
C ARG A 82 4.20 10.70 -21.55
N VAL A 83 3.79 11.33 -20.46
CA VAL A 83 3.23 10.63 -19.31
C VAL A 83 1.93 9.94 -19.60
N GLU A 84 1.87 8.63 -19.30
CA GLU A 84 0.63 7.85 -19.27
C GLU A 84 0.17 7.58 -17.84
N ALA A 85 -1.11 7.24 -17.70
CA ALA A 85 -1.72 7.03 -16.40
C ALA A 85 -1.03 5.89 -15.63
N GLU A 86 -0.48 4.93 -16.37
CA GLU A 86 0.26 3.80 -15.82
C GLU A 86 1.62 4.14 -15.18
N ASP A 87 2.09 5.32 -15.39
CA ASP A 87 3.36 5.78 -14.90
C ASP A 87 3.24 6.34 -13.50
N LEU A 88 2.00 6.34 -13.01
CA LEU A 88 1.68 6.75 -11.68
C LEU A 88 2.40 5.91 -10.62
N GLY A 89 2.98 6.56 -9.62
CA GLY A 89 3.52 5.86 -8.45
C GLY A 89 4.68 6.64 -7.93
N VAL A 90 5.58 5.96 -7.21
CA VAL A 90 6.71 6.58 -6.58
C VAL A 90 7.98 6.07 -7.25
N TYR A 91 8.84 7.01 -7.61
CA TYR A 91 10.02 6.75 -8.41
C TYR A 91 11.11 6.87 -7.39
N TYR A 92 12.02 5.91 -7.41
CA TYR A 92 13.18 5.96 -6.53
C TYR A 92 14.49 5.81 -7.28
N CYS A 93 15.42 6.65 -6.94
CA CYS A 93 16.77 6.47 -7.37
C CYS A 93 17.56 5.64 -6.36
N PHE A 94 18.62 5.04 -6.83
CA PHE A 94 19.41 4.14 -6.02
C PHE A 94 20.84 4.21 -6.53
N GLN A 95 21.79 4.24 -5.61
CA GLN A 95 23.20 4.16 -6.01
C GLN A 95 23.88 2.98 -5.30
N THR A 96 24.78 2.33 -6.02
CA THR A 96 25.69 1.41 -5.41
C THR A 96 27.14 1.62 -5.84
N SER A 97 27.50 2.86 -6.20
CA SER A 97 28.90 3.21 -6.53
C SER A 97 29.80 3.31 -5.32
N HIS A 98 29.22 3.68 -4.20
CA HIS A 98 29.96 3.84 -2.95
C HIS A 98 29.20 3.11 -1.84
N VAL A 99 29.92 2.67 -0.81
CA VAL A 99 29.28 2.05 0.36
C VAL A 99 28.62 3.13 1.24
N PRO A 100 27.42 2.84 1.74
CA PRO A 100 26.66 1.66 1.41
C PRO A 100 25.68 2.03 0.30
N PRO A 101 25.10 1.01 -0.30
CA PRO A 101 24.05 1.28 -1.26
C PRO A 101 22.90 1.97 -0.57
N THR A 102 22.41 3.03 -1.19
CA THR A 102 21.38 3.85 -0.63
C THR A 102 20.38 4.24 -1.70
N PHE A 103 19.11 4.28 -1.30
CA PHE A 103 18.05 4.83 -2.11
C PHE A 103 17.76 6.30 -1.82
N GLY A 104 17.30 7.03 -2.84
CA GLY A 104 16.65 8.31 -2.61
C GLY A 104 15.33 8.10 -1.88
N GLY A 105 14.78 9.15 -1.32
CA GLY A 105 13.53 9.04 -0.55
C GLY A 105 12.29 8.91 -1.40
N GLY A 106 12.41 9.00 -2.72
CA GLY A 106 11.21 8.79 -3.54
C GLY A 106 10.53 10.10 -4.00
N THR A 107 9.98 10.06 -5.18
CA THR A 107 9.24 11.17 -5.74
C THR A 107 7.91 10.55 -6.12
N LYS A 108 6.83 11.13 -5.61
CA LYS A 108 5.50 10.70 -6.05
C LYS A 108 5.07 11.44 -7.32
N LEU A 109 4.78 10.68 -8.36
CA LEU A 109 4.17 11.21 -9.57
C LEU A 109 2.64 11.14 -9.51
N GLU A 110 2.01 12.30 -9.57
CA GLU A 110 0.56 12.43 -9.54
C GLU A 110 0.06 12.82 -10.91
N ILE A 111 -0.95 12.11 -11.37
CA ILE A 111 -1.56 12.47 -12.60
C ILE A 111 -2.61 13.61 -12.43
N LYS A 112 -2.35 14.75 -13.09
CA LYS A 112 -3.26 15.91 -13.08
C LYS A 112 -4.35 15.65 -14.15
N ARG A 113 -5.57 15.32 -13.71
CA ARG A 113 -6.72 15.02 -14.64
C ARG A 113 -7.85 15.97 -14.35
N ALA A 114 -8.98 15.78 -15.01
CA ALA A 114 -10.13 16.67 -14.76
C ALA A 114 -10.71 16.44 -13.36
N ASP A 115 -11.35 17.48 -12.87
CA ASP A 115 -12.12 17.41 -11.67
C ASP A 115 -13.08 16.19 -11.75
N ALA A 116 -13.28 15.53 -10.61
CA ALA A 116 -14.16 14.38 -10.52
C ALA A 116 -14.86 14.47 -9.15
N ALA A 117 -16.20 14.50 -9.17
CA ALA A 117 -16.99 14.59 -7.93
C ALA A 117 -17.03 13.23 -7.22
N PRO A 118 -16.97 13.23 -5.85
CA PRO A 118 -17.07 11.98 -5.07
C PRO A 118 -18.46 11.34 -5.12
N THR A 119 -18.49 10.02 -5.20
CA THR A 119 -19.70 9.28 -4.92
C THR A 119 -19.65 8.97 -3.42
N VAL A 120 -20.61 9.53 -2.68
CA VAL A 120 -20.63 9.39 -1.20
C VAL A 120 -21.67 8.36 -0.84
N SER A 121 -21.29 7.40 -0.02
CA SER A 121 -22.27 6.44 0.54
C SER A 121 -22.08 6.30 2.01
N ILE A 122 -23.17 6.13 2.73
CA ILE A 122 -23.08 6.05 4.19
C ILE A 122 -23.59 4.64 4.56
N PHE A 123 -23.01 4.04 5.59
CA PHE A 123 -23.36 2.63 5.96
C PHE A 123 -23.64 2.57 7.42
N PRO A 124 -24.90 2.33 7.81
CA PRO A 124 -25.27 2.25 9.23
C PRO A 124 -24.50 1.06 9.88
N PRO A 125 -24.16 1.12 11.16
CA PRO A 125 -23.52 0.00 11.84
C PRO A 125 -24.35 -1.22 11.69
N SER A 126 -23.78 -2.32 11.21
CA SER A 126 -24.54 -3.56 11.18
C SER A 126 -25.05 -3.87 12.59
N SER A 127 -26.22 -4.48 12.71
CA SER A 127 -26.70 -4.89 14.05
C SER A 127 -25.74 -5.96 14.70
N GLU A 128 -24.96 -6.66 13.87
CA GLU A 128 -23.90 -7.59 14.26
C GLU A 128 -22.79 -7.03 15.13
N GLN A 129 -22.50 -5.75 14.94
CA GLN A 129 -21.54 -5.05 15.74
C GLN A 129 -21.95 -4.78 17.18
N LEU A 130 -23.24 -4.56 17.39
CA LEU A 130 -23.69 -3.75 18.54
C LEU A 130 -23.55 -4.48 19.85
N THR A 131 -23.71 -5.79 19.81
CA THR A 131 -23.34 -6.63 20.92
C THR A 131 -21.91 -6.43 21.45
N SER A 132 -21.02 -5.94 20.63
CA SER A 132 -19.64 -5.70 21.07
C SER A 132 -19.54 -4.48 21.98
N GLY A 133 -20.60 -3.69 22.13
CA GLY A 133 -20.48 -2.46 22.93
C GLY A 133 -20.05 -1.24 22.16
N GLY A 134 -19.79 -1.39 20.88
CA GLY A 134 -19.44 -0.28 20.02
C GLY A 134 -20.26 -0.23 18.74
N ALA A 135 -20.22 0.92 18.08
CA ALA A 135 -20.88 1.13 16.80
C ALA A 135 -19.97 1.97 15.93
N SER A 136 -19.69 1.49 14.72
CA SER A 136 -18.91 2.14 13.69
C SER A 136 -19.78 2.43 12.47
N VAL A 137 -19.97 3.72 12.18
CA VAL A 137 -20.58 4.23 11.00
C VAL A 137 -19.50 4.51 9.92
N VAL A 138 -19.66 3.99 8.70
CA VAL A 138 -18.67 4.17 7.63
C VAL A 138 -19.24 5.06 6.54
N CYS A 139 -18.41 5.95 6.03
CA CYS A 139 -18.81 6.76 4.94
C CYS A 139 -17.76 6.59 3.90
N PHE A 140 -18.10 6.16 2.67
CA PHE A 140 -17.14 6.19 1.57
C PHE A 140 -17.34 7.42 0.70
N LEU A 141 -16.21 7.98 0.31
CA LEU A 141 -16.15 9.08 -0.65
C LEU A 141 -15.21 8.64 -1.77
N ASN A 142 -15.77 8.14 -2.85
CA ASN A 142 -15.03 7.45 -3.88
C ASN A 142 -14.85 8.19 -5.20
N ASN A 143 -13.65 8.05 -5.77
CA ASN A 143 -13.32 8.41 -7.15
C ASN A 143 -13.49 9.87 -7.41
N PHE A 144 -12.87 10.68 -6.56
CA PHE A 144 -12.89 12.12 -6.70
C PHE A 144 -11.50 12.66 -7.05
N TYR A 145 -11.46 13.86 -7.60
CA TYR A 145 -10.20 14.55 -7.94
C TYR A 145 -10.48 16.06 -8.04
N PRO A 146 -9.59 16.92 -7.51
CA PRO A 146 -8.37 16.66 -6.73
C PRO A 146 -8.64 16.11 -5.32
N LYS A 147 -7.58 15.87 -4.60
CA LYS A 147 -7.59 15.13 -3.37
C LYS A 147 -8.19 15.96 -2.24
N ASP A 148 -8.10 17.29 -2.33
CA ASP A 148 -8.66 18.25 -1.34
C ASP A 148 -10.14 18.01 -1.11
N ILE A 149 -10.51 17.75 0.16
CA ILE A 149 -11.88 17.40 0.53
C ILE A 149 -12.08 17.77 2.00
N ASN A 150 -13.27 18.29 2.29
CA ASN A 150 -13.69 18.59 3.64
C ASN A 150 -14.87 17.66 4.04
N VAL A 151 -14.64 16.80 5.02
CA VAL A 151 -15.62 15.81 5.46
C VAL A 151 -15.92 16.07 6.88
N LYS A 152 -17.20 16.10 7.18
CA LYS A 152 -17.68 16.23 8.55
C LYS A 152 -18.75 15.21 8.84
N TRP A 153 -18.89 14.92 10.12
CA TRP A 153 -20.00 14.16 10.68
C TRP A 153 -20.91 15.01 11.57
N LYS A 154 -22.22 14.74 11.45
CA LYS A 154 -23.17 15.39 12.30
C LYS A 154 -23.92 14.28 12.96
N ILE A 155 -24.33 14.54 14.19
CA ILE A 155 -25.20 13.65 14.95
C ILE A 155 -26.36 14.51 15.52
N ASP A 156 -27.56 14.24 15.04
CA ASP A 156 -28.72 15.01 15.37
C ASP A 156 -28.39 16.48 15.19
N GLY A 157 -27.78 16.82 14.05
CA GLY A 157 -27.46 18.23 13.78
C GLY A 157 -26.19 18.78 14.40
N SER A 158 -25.56 18.08 15.33
CA SER A 158 -24.31 18.62 15.91
C SER A 158 -23.07 17.94 15.42
N GLU A 159 -22.02 18.71 15.18
CA GLU A 159 -20.84 18.16 14.55
C GLU A 159 -20.14 17.26 15.52
N ARG A 160 -19.38 16.31 15.00
CA ARG A 160 -18.70 15.38 15.83
C ARG A 160 -17.36 15.07 15.22
N GLN A 161 -16.30 15.34 15.98
CA GLN A 161 -14.95 14.96 15.58
C GLN A 161 -14.43 13.81 16.42
N ASN A 162 -14.78 13.77 17.71
CA ASN A 162 -14.28 12.72 18.57
C ASN A 162 -14.70 11.37 18.01
N GLY A 163 -13.76 10.46 17.81
CA GLY A 163 -14.09 9.13 17.33
C GLY A 163 -14.04 8.95 15.82
N VAL A 164 -13.66 9.98 15.06
CA VAL A 164 -13.63 9.91 13.61
C VAL A 164 -12.26 9.52 13.11
N LEU A 165 -12.18 8.48 12.29
CA LEU A 165 -10.92 8.05 11.69
C LEU A 165 -11.06 8.09 10.21
N ASN A 166 -10.07 8.63 9.55
CA ASN A 166 -10.11 8.78 8.09
C ASN A 166 -8.97 8.06 7.46
N SER A 167 -9.21 7.52 6.27
CA SER A 167 -8.15 6.93 5.50
C SER A 167 -8.41 7.20 4.00
N TRP A 168 -7.36 7.26 3.22
CA TRP A 168 -7.50 7.67 1.85
C TRP A 168 -6.56 6.80 1.07
N THR A 169 -6.99 6.43 -0.11
CA THR A 169 -6.16 5.64 -0.98
C THR A 169 -5.18 6.56 -1.72
N ASP A 170 -4.27 5.90 -2.43
CA ASP A 170 -3.43 6.55 -3.41
C ASP A 170 -4.29 6.76 -4.61
N GLN A 171 -3.78 7.57 -5.53
CA GLN A 171 -4.35 7.69 -6.83
C GLN A 171 -4.49 6.32 -7.42
N ASP A 172 -5.63 6.07 -8.04
CA ASP A 172 -5.92 4.83 -8.74
C ASP A 172 -5.55 4.94 -10.22
N SER A 173 -4.77 3.98 -10.69
CA SER A 173 -4.36 3.90 -12.10
C SER A 173 -5.48 3.96 -13.16
N LYS A 174 -6.55 3.22 -12.92
CA LYS A 174 -7.61 3.07 -13.92
C LYS A 174 -8.32 4.37 -14.28
N ASP A 175 -8.46 5.29 -13.33
CA ASP A 175 -9.14 6.55 -13.60
C ASP A 175 -8.46 7.78 -13.01
N SER A 176 -7.35 7.59 -12.33
CA SER A 176 -6.56 8.65 -11.76
C SER A 176 -7.23 9.43 -10.63
N THR A 177 -8.20 8.82 -9.96
CA THR A 177 -8.86 9.47 -8.80
C THR A 177 -8.37 8.97 -7.42
N TYR A 178 -8.75 9.70 -6.40
CA TYR A 178 -8.60 9.32 -5.04
C TYR A 178 -9.92 8.79 -4.48
N SER A 179 -9.80 7.93 -3.46
CA SER A 179 -10.91 7.57 -2.62
C SER A 179 -10.58 7.77 -1.14
N MET A 180 -11.65 7.92 -0.36
CA MET A 180 -11.52 8.17 1.07
C MET A 180 -12.59 7.45 1.85
N SER A 181 -12.21 6.90 3.02
CA SER A 181 -13.19 6.39 3.96
C SER A 181 -13.10 7.22 5.19
N SER A 182 -14.23 7.37 5.87
CA SER A 182 -14.34 8.06 7.13
C SER A 182 -15.22 7.24 8.03
N THR A 183 -14.78 7.01 9.26
CA THR A 183 -15.45 6.05 10.15
C THR A 183 -15.62 6.72 11.50
N LEU A 184 -16.87 6.79 11.96
CA LEU A 184 -17.20 7.40 13.22
C LEU A 184 -17.49 6.28 14.15
N THR A 185 -16.75 6.20 15.25
CA THR A 185 -16.94 5.12 16.23
C THR A 185 -17.40 5.66 17.55
N LEU A 186 -18.51 5.12 18.05
CA LEU A 186 -19.09 5.48 19.34
C LEU A 186 -19.25 4.24 20.20
N THR A 187 -19.58 4.43 21.46
CA THR A 187 -19.97 3.30 22.28
C THR A 187 -21.41 3.05 21.86
N LYS A 188 -21.90 1.83 22.09
CA LYS A 188 -23.29 1.45 21.78
C LYS A 188 -24.23 2.34 22.56
N ASP A 189 -23.89 2.55 23.83
CA ASP A 189 -24.63 3.41 24.71
C ASP A 189 -24.88 4.80 24.13
N GLU A 190 -23.83 5.51 23.72
CA GLU A 190 -24.07 6.78 23.05
C GLU A 190 -24.83 6.66 21.72
N TYR A 191 -24.56 5.60 20.97
CA TYR A 191 -25.19 5.42 19.66
C TYR A 191 -26.70 5.40 19.81
N GLU A 192 -27.16 4.69 20.86
CA GLU A 192 -28.60 4.51 21.09
C GLU A 192 -29.33 5.77 21.61
N ARG A 193 -28.60 6.77 22.05
CA ARG A 193 -29.17 8.02 22.53
C ARG A 193 -29.28 9.11 21.44
N HIS A 194 -28.99 8.76 20.20
CA HIS A 194 -29.11 9.70 19.09
C HIS A 194 -29.78 9.04 17.94
N ASN A 195 -30.43 9.83 17.10
CA ASN A 195 -31.29 9.26 16.06
C ASN A 195 -30.72 9.45 14.63
N SER A 196 -30.32 10.68 14.30
CA SER A 196 -29.89 11.02 12.96
C SER A 196 -28.33 11.07 12.85
N TYR A 197 -27.82 10.38 11.85
CA TYR A 197 -26.39 10.32 11.58
C TYR A 197 -26.07 10.72 10.13
N THR A 198 -25.07 11.58 9.95
CA THR A 198 -24.88 12.27 8.70
C THR A 198 -23.44 12.45 8.40
N CYS A 199 -23.09 12.08 7.18
CA CYS A 199 -21.77 12.25 6.62
C CYS A 199 -21.95 13.35 5.55
N GLU A 200 -21.15 14.39 5.59
CA GLU A 200 -21.17 15.35 4.51
C GLU A 200 -19.82 15.84 4.07
N ALA A 201 -19.75 16.15 2.78
CA ALA A 201 -18.52 16.54 2.16
C ALA A 201 -18.70 17.75 1.31
N THR A 202 -17.67 18.58 1.26
CA THR A 202 -17.54 19.58 0.21
C THR A 202 -16.21 19.37 -0.52
N HIS A 203 -16.16 19.79 -1.79
CA HIS A 203 -15.06 19.46 -2.70
C HIS A 203 -15.02 20.57 -3.75
N LYS A 204 -13.94 20.65 -4.49
CA LYS A 204 -13.85 21.56 -5.64
C LYS A 204 -15.10 21.52 -6.57
N THR A 205 -15.62 20.31 -6.80
CA THR A 205 -16.74 20.06 -7.67
C THR A 205 -18.10 20.26 -7.05
N SER A 206 -18.12 20.60 -5.76
CA SER A 206 -19.34 20.77 -5.04
C SER A 206 -19.14 21.49 -3.70
N THR A 207 -19.27 22.79 -3.76
CA THR A 207 -19.11 23.67 -2.61
C THR A 207 -20.29 23.57 -1.66
N SER A 208 -21.50 23.37 -2.16
CA SER A 208 -22.60 23.04 -1.28
C SER A 208 -22.48 21.55 -0.95
N PRO A 209 -22.77 21.23 0.30
CA PRO A 209 -22.38 19.92 0.82
C PRO A 209 -23.12 18.78 0.15
N ILE A 210 -22.39 17.71 -0.07
CA ILE A 210 -22.97 16.43 -0.42
C ILE A 210 -23.27 15.72 0.90
N VAL A 211 -24.55 15.44 1.14
CA VAL A 211 -25.07 14.99 2.46
C VAL A 211 -25.77 13.63 2.39
N LYS A 212 -25.23 12.66 3.10
CA LYS A 212 -25.82 11.36 3.21
C LYS A 212 -26.08 11.13 4.66
N SER A 213 -27.26 10.60 4.97
CA SER A 213 -27.74 10.53 6.31
C SER A 213 -28.52 9.23 6.58
N PHE A 214 -28.64 8.79 7.82
CA PHE A 214 -29.63 7.75 8.12
C PHE A 214 -30.15 7.93 9.51
N ASN A 215 -31.24 7.23 9.78
CA ASN A 215 -31.82 7.32 11.06
C ASN A 215 -31.56 5.98 11.77
N ARG A 216 -31.19 6.01 13.04
CA ARG A 216 -30.89 4.76 13.75
C ARG A 216 -32.09 3.79 13.77
N ASN A 217 -33.32 4.29 13.74
CA ASN A 217 -34.53 3.41 13.80
C ASN A 217 -35.01 2.84 12.47
N GLU A 218 -34.37 3.25 11.38
CA GLU A 218 -34.86 2.86 10.08
C GLU A 218 -34.30 1.50 9.70
N CYS A 219 -34.93 0.78 8.80
CA CYS A 219 -34.43 -0.55 8.50
C CYS A 219 -34.76 -0.86 7.06
N GLU B 1 6.87 -15.04 -16.23
CA GLU B 1 7.42 -16.34 -15.75
C GLU B 1 8.45 -16.26 -14.58
N VAL B 2 9.42 -15.32 -14.50
CA VAL B 2 10.28 -15.27 -13.25
C VAL B 2 9.48 -14.98 -11.94
N MET B 3 9.59 -15.87 -10.95
CA MET B 3 8.84 -15.73 -9.71
C MET B 3 9.71 -15.80 -8.47
N LEU B 4 9.36 -14.92 -7.55
CA LEU B 4 9.95 -14.81 -6.22
C LEU B 4 8.80 -14.64 -5.25
N VAL B 5 8.69 -15.57 -4.31
CA VAL B 5 7.59 -15.54 -3.35
C VAL B 5 8.15 -15.70 -1.94
N GLU B 6 8.02 -14.64 -1.16
CA GLU B 6 8.52 -14.59 0.19
C GLU B 6 7.50 -15.13 1.20
N SER B 7 7.99 -15.68 2.29
CA SER B 7 7.10 -15.92 3.42
C SER B 7 7.86 -15.84 4.74
N GLY B 8 7.15 -15.92 5.84
CA GLY B 8 7.72 -16.03 7.17
C GLY B 8 7.47 -14.78 7.97
N GLY B 9 6.94 -13.72 7.33
CA GLY B 9 6.59 -12.50 8.01
C GLY B 9 5.46 -12.65 9.04
N GLY B 10 5.29 -11.60 9.83
CA GLY B 10 4.33 -11.63 10.93
C GLY B 10 4.79 -10.80 12.11
N LEU B 11 4.31 -11.14 13.28
CA LEU B 11 4.58 -10.36 14.49
C LEU B 11 5.70 -11.06 15.26
N VAL B 12 6.64 -10.27 15.73
CA VAL B 12 7.70 -10.77 16.61
C VAL B 12 7.96 -9.76 17.73
N LYS B 13 8.24 -10.30 18.89
CA LYS B 13 8.53 -9.44 20.05
C LYS B 13 9.81 -8.70 19.84
N PRO B 14 9.95 -7.51 20.44
CA PRO B 14 11.26 -6.85 20.47
C PRO B 14 12.30 -7.76 21.10
N GLY B 15 13.48 -7.84 20.48
CA GLY B 15 14.53 -8.71 20.92
C GLY B 15 14.38 -10.19 20.52
N GLY B 16 13.40 -10.44 19.70
CA GLY B 16 13.08 -11.81 19.30
C GLY B 16 13.72 -12.10 17.95
N SER B 17 13.29 -13.17 17.31
CA SER B 17 13.98 -13.68 16.12
C SER B 17 12.98 -14.31 15.18
N LEU B 18 13.33 -14.41 13.91
CA LEU B 18 12.43 -14.84 12.84
C LEU B 18 13.24 -15.31 11.65
N LYS B 19 12.67 -16.17 10.82
CA LYS B 19 13.32 -16.55 9.59
C LYS B 19 12.40 -16.32 8.39
N LEU B 20 12.83 -15.48 7.46
CA LEU B 20 12.13 -15.26 6.20
C LEU B 20 12.69 -16.22 5.17
N SER B 21 11.84 -16.61 4.23
CA SER B 21 12.30 -17.40 3.11
C SER B 21 11.74 -16.86 1.83
N CYS B 22 12.41 -17.19 0.76
CA CYS B 22 12.02 -16.70 -0.55
C CYS B 22 12.26 -17.81 -1.56
N ALA B 23 11.17 -18.30 -2.16
CA ALA B 23 11.24 -19.38 -3.15
C ALA B 23 11.29 -18.81 -4.55
N ALA B 24 12.26 -19.26 -5.31
CA ALA B 24 12.50 -18.71 -6.62
C ALA B 24 12.20 -19.77 -7.66
N SER B 25 11.71 -19.36 -8.80
CA SER B 25 11.58 -20.30 -9.91
C SER B 25 11.70 -19.62 -11.28
N GLU B 26 11.97 -20.41 -12.31
CA GLU B 26 11.96 -19.98 -13.72
C GLU B 26 13.20 -19.16 -14.06
N PHE B 27 14.27 -19.34 -13.30
CA PHE B 27 15.56 -18.87 -13.69
C PHE B 27 16.55 -19.74 -12.94
N THR B 28 17.82 -19.70 -13.34
CA THR B 28 18.88 -20.43 -12.69
C THR B 28 19.43 -19.69 -11.41
N PHE B 29 18.75 -19.94 -10.30
CA PHE B 29 18.88 -19.21 -9.06
C PHE B 29 20.31 -19.21 -8.55
N SER B 30 20.91 -20.39 -8.62
CA SER B 30 22.27 -20.62 -8.17
C SER B 30 23.38 -19.93 -8.94
N THR B 31 23.06 -19.21 -10.00
CA THR B 31 24.06 -18.39 -10.68
C THR B 31 23.81 -16.90 -10.54
N TYR B 32 22.95 -16.52 -9.59
CA TYR B 32 22.66 -15.11 -9.35
C TYR B 32 22.92 -14.70 -7.90
N ILE B 33 23.49 -13.52 -7.78
CA ILE B 33 23.55 -12.81 -6.54
C ILE B 33 22.08 -12.52 -6.15
N MET B 34 21.76 -12.72 -4.92
CA MET B 34 20.46 -12.43 -4.46
C MET B 34 20.52 -11.41 -3.33
N SER B 35 19.47 -10.58 -3.20
CA SER B 35 19.41 -9.58 -2.15
C SER B 35 18.09 -9.54 -1.34
N TRP B 36 18.20 -8.94 -0.16
CA TRP B 36 17.03 -8.57 0.62
C TRP B 36 17.02 -7.03 0.73
N VAL B 37 15.88 -6.42 0.46
CA VAL B 37 15.64 -5.01 0.49
C VAL B 37 14.34 -4.76 1.29
N ARG B 38 14.30 -3.76 2.19
CA ARG B 38 13.06 -3.59 2.97
C ARG B 38 12.51 -2.24 2.74
N GLN B 39 11.21 -2.13 2.96
CA GLN B 39 10.54 -0.85 2.84
C GLN B 39 9.87 -0.51 4.15
N THR B 40 10.26 0.62 4.69
CA THR B 40 9.87 1.05 6.01
C THR B 40 8.46 1.57 6.07
N PRO B 41 7.97 1.73 7.29
CA PRO B 41 6.59 2.24 7.38
C PRO B 41 6.45 3.66 6.76
N GLU B 42 7.52 4.44 6.79
CA GLU B 42 7.49 5.70 6.06
C GLU B 42 7.73 5.57 4.53
N LYS B 43 7.55 4.36 3.96
CA LYS B 43 7.80 4.04 2.53
C LYS B 43 9.23 4.25 1.97
N ARG B 44 10.22 4.43 2.81
CA ARG B 44 11.63 4.37 2.38
C ARG B 44 12.13 2.95 2.17
N LEU B 45 12.95 2.79 1.14
CA LEU B 45 13.60 1.54 0.80
C LEU B 45 14.98 1.57 1.38
N GLU B 46 15.35 0.42 1.96
CA GLU B 46 16.65 0.18 2.56
C GLU B 46 17.20 -1.18 2.09
N TRP B 47 18.39 -1.20 1.50
CA TRP B 47 19.06 -2.45 1.20
C TRP B 47 19.44 -3.12 2.54
N VAL B 48 19.25 -4.44 2.67
CA VAL B 48 19.51 -5.14 3.92
C VAL B 48 20.71 -6.06 3.85
N ALA B 49 20.77 -6.92 2.82
CA ALA B 49 21.74 -7.95 2.70
C ALA B 49 21.86 -8.47 1.25
N THR B 50 23.04 -8.95 0.93
CA THR B 50 23.33 -9.52 -0.35
C THR B 50 24.11 -10.77 -0.14
N ILE B 51 23.82 -11.80 -0.95
CA ILE B 51 24.65 -13.02 -0.93
C ILE B 51 25.08 -13.45 -2.34
N SER B 52 26.33 -13.86 -2.45
CA SER B 52 26.89 -14.34 -3.71
C SER B 52 26.16 -15.60 -4.15
N SER B 53 26.25 -15.85 -5.45
CA SER B 53 25.59 -16.99 -6.06
C SER B 53 25.86 -18.34 -5.36
N SER B 54 27.08 -18.58 -4.92
CA SER B 54 27.43 -19.81 -4.20
C SER B 54 27.17 -19.76 -2.70
N GLY B 55 26.99 -18.57 -2.13
CA GLY B 55 26.80 -18.49 -0.67
C GLY B 55 28.09 -18.15 0.04
N THR B 56 29.18 -18.00 -0.72
CA THR B 56 30.49 -17.87 -0.10
C THR B 56 30.68 -16.50 0.56
N TYR B 57 30.20 -15.46 -0.11
CA TYR B 57 30.33 -14.08 0.30
C TYR B 57 29.00 -13.43 0.63
N THR B 58 28.99 -12.71 1.75
CA THR B 58 27.81 -12.02 2.23
C THR B 58 28.13 -10.62 2.61
N TYR B 59 27.15 -9.72 2.45
CA TYR B 59 27.29 -8.33 2.82
C TYR B 59 25.97 -7.89 3.42
N TYR B 60 26.08 -7.04 4.44
CA TYR B 60 24.96 -6.63 5.27
C TYR B 60 24.97 -5.13 5.47
N ARG B 61 23.79 -4.49 5.53
CA ARG B 61 23.77 -3.12 6.02
C ARG B 61 24.28 -3.08 7.42
N ASP B 62 25.05 -2.06 7.75
CA ASP B 62 25.77 -2.01 9.04
C ASP B 62 24.87 -2.34 10.22
N SER B 63 23.67 -1.80 10.18
CA SER B 63 22.75 -1.85 11.32
C SER B 63 22.17 -3.23 11.57
N VAL B 64 22.35 -4.15 10.60
CA VAL B 64 22.00 -5.53 10.82
C VAL B 64 23.16 -6.51 11.00
N LYS B 65 24.42 -6.09 10.85
CA LYS B 65 25.53 -7.02 10.93
C LYS B 65 25.62 -7.64 12.30
N GLY B 66 25.82 -8.95 12.39
CA GLY B 66 25.88 -9.60 13.72
C GLY B 66 24.49 -9.94 14.26
N ARG B 67 23.43 -9.53 13.55
CA ARG B 67 22.05 -9.77 13.97
C ARG B 67 21.32 -10.62 12.90
N PHE B 68 21.52 -10.27 11.62
CA PHE B 68 20.88 -10.99 10.52
C PHE B 68 21.89 -11.90 9.82
N THR B 69 21.41 -13.03 9.37
CA THR B 69 22.18 -13.90 8.51
C THR B 69 21.42 -14.20 7.25
N VAL B 70 22.01 -13.91 6.12
CA VAL B 70 21.42 -14.27 4.78
C VAL B 70 22.01 -15.63 4.39
N SER B 71 21.20 -16.55 3.87
CA SER B 71 21.76 -17.82 3.40
C SER B 71 20.92 -18.33 2.26
N ARG B 72 21.37 -19.37 1.56
CA ARG B 72 20.60 -19.88 0.46
C ARG B 72 20.70 -21.39 0.28
N ASP B 73 19.67 -21.93 -0.36
CA ASP B 73 19.62 -23.32 -0.70
C ASP B 73 19.55 -23.42 -2.21
N ASN B 74 20.69 -23.64 -2.81
CA ASN B 74 20.79 -23.71 -4.28
C ASN B 74 20.24 -24.95 -4.96
N ALA B 75 19.90 -25.98 -4.16
CA ALA B 75 19.25 -27.20 -4.68
C ALA B 75 17.78 -26.96 -4.84
N ASN B 76 17.17 -26.33 -3.83
CA ASN B 76 15.75 -26.08 -3.82
C ASN B 76 15.35 -24.70 -4.24
N ASN B 77 16.35 -23.87 -4.52
CA ASN B 77 16.12 -22.45 -4.89
C ASN B 77 15.38 -21.61 -3.87
N ILE B 78 15.95 -21.57 -2.69
CA ILE B 78 15.35 -20.82 -1.60
C ILE B 78 16.39 -19.90 -1.02
N LEU B 79 16.02 -18.64 -0.93
CA LEU B 79 16.81 -17.64 -0.23
C LEU B 79 16.25 -17.46 1.19
N TYR B 80 17.14 -17.34 2.18
CA TYR B 80 16.73 -17.17 3.59
C TYR B 80 17.28 -15.90 4.18
N LEU B 81 16.56 -15.35 5.14
CA LEU B 81 17.06 -14.28 6.02
C LEU B 81 16.68 -14.64 7.46
N GLN B 82 17.68 -14.98 8.25
CA GLN B 82 17.47 -15.21 9.66
C GLN B 82 17.68 -13.87 10.37
N MET B 83 16.73 -13.49 11.20
CA MET B 83 16.76 -12.20 11.86
C MET B 83 16.75 -12.42 13.37
N SER B 84 17.73 -11.88 14.13
CA SER B 84 17.69 -11.90 15.61
C SER B 84 17.84 -10.54 16.21
N SER B 85 17.64 -10.46 17.54
CA SER B 85 17.76 -9.20 18.23
C SER B 85 16.98 -8.14 17.52
N LEU B 86 15.72 -8.47 17.19
CA LEU B 86 14.93 -7.57 16.37
C LEU B 86 14.58 -6.30 17.14
N ARG B 87 14.51 -5.23 16.37
CA ARG B 87 14.13 -3.93 16.92
C ARG B 87 13.09 -3.26 16.11
N SER B 88 12.46 -2.24 16.72
CA SER B 88 11.44 -1.43 16.01
C SER B 88 11.91 -0.94 14.61
N GLU B 89 13.17 -0.61 14.49
CA GLU B 89 13.84 -0.24 13.24
C GLU B 89 13.52 -1.29 12.15
N ASP B 90 13.39 -2.55 12.53
CA ASP B 90 13.30 -3.62 11.55
C ASP B 90 11.91 -3.89 11.00
N THR B 91 10.93 -3.15 11.52
CA THR B 91 9.55 -3.25 11.04
C THR B 91 9.52 -2.72 9.64
N ALA B 92 9.08 -3.57 8.72
CA ALA B 92 9.20 -3.29 7.33
C ALA B 92 8.59 -4.42 6.53
N LEU B 93 8.33 -4.10 5.27
CA LEU B 93 7.98 -5.07 4.27
C LEU B 93 9.32 -5.52 3.67
N TYR B 94 9.60 -6.83 3.70
CA TYR B 94 10.87 -7.35 3.22
C TYR B 94 10.68 -8.01 1.84
N TYR B 95 11.45 -7.52 0.87
CA TYR B 95 11.48 -8.12 -0.48
C TYR B 95 12.76 -8.90 -0.73
N CYS B 96 12.67 -10.06 -1.38
CA CYS B 96 13.86 -10.65 -1.97
C CYS B 96 13.93 -10.14 -3.40
N ALA B 97 15.14 -10.00 -3.91
CA ALA B 97 15.31 -9.49 -5.23
C ALA B 97 16.48 -10.14 -5.85
N ARG B 98 16.40 -10.40 -7.15
CA ARG B 98 17.56 -10.85 -7.91
C ARG B 98 18.38 -9.65 -8.21
N ARG B 99 19.68 -9.77 -7.97
CA ARG B 99 20.63 -8.69 -8.22
C ARG B 99 21.61 -9.03 -9.36
N ASP B 100 21.48 -8.30 -10.46
CA ASP B 100 22.20 -8.70 -11.70
C ASP B 100 23.50 -7.92 -11.72
N TYR B 101 24.40 -8.22 -10.78
CA TYR B 101 25.65 -7.44 -10.58
C TYR B 101 25.41 -5.93 -10.56
N TYR B 102 25.91 -5.16 -11.51
CA TYR B 102 25.64 -3.72 -11.50
C TYR B 102 24.51 -3.25 -12.45
N ASP B 103 23.72 -4.21 -12.89
CA ASP B 103 22.60 -3.97 -13.81
C ASP B 103 21.27 -4.02 -13.07
N GLY B 104 21.28 -3.91 -11.73
CA GLY B 104 20.08 -3.59 -10.94
C GLY B 104 19.44 -4.72 -10.13
N PHE B 105 18.43 -4.35 -9.36
CA PHE B 105 17.57 -5.30 -8.75
C PHE B 105 16.49 -5.55 -9.79
N THR B 106 16.57 -6.70 -10.49
CA THR B 106 15.88 -6.92 -11.73
C THR B 106 14.48 -7.47 -11.53
N TYR B 107 14.34 -8.33 -10.54
CA TYR B 107 13.08 -9.00 -10.23
C TYR B 107 12.95 -8.97 -8.71
N TRP B 108 11.74 -8.62 -8.27
CA TRP B 108 11.42 -8.48 -6.85
C TRP B 108 10.26 -9.39 -6.48
N GLY B 109 10.28 -10.08 -5.34
CA GLY B 109 9.05 -10.70 -4.81
C GLY B 109 7.96 -9.70 -4.38
N GLN B 110 6.88 -10.25 -3.85
CA GLN B 110 5.73 -9.47 -3.45
C GLN B 110 5.90 -8.91 -2.04
N GLY B 111 6.86 -9.43 -1.29
CA GLY B 111 7.14 -8.87 0.02
C GLY B 111 6.45 -9.66 1.14
N THR B 112 7.12 -9.81 2.28
CA THR B 112 6.48 -10.34 3.50
C THR B 112 6.68 -9.35 4.64
N LEU B 113 5.61 -9.05 5.38
CA LEU B 113 5.64 -7.97 6.35
C LEU B 113 6.09 -8.41 7.76
N VAL B 114 7.00 -7.68 8.35
CA VAL B 114 7.51 -8.02 9.67
C VAL B 114 7.18 -6.85 10.56
N THR B 115 6.52 -7.13 11.69
CA THR B 115 6.19 -6.11 12.70
C THR B 115 6.83 -6.53 13.99
N VAL B 116 7.63 -5.64 14.51
CA VAL B 116 8.31 -5.88 15.76
C VAL B 116 7.56 -5.08 16.80
N SER B 117 6.92 -5.77 17.73
CA SER B 117 6.08 -5.07 18.70
C SER B 117 5.76 -5.97 19.86
N ALA B 118 5.50 -5.39 21.02
CA ALA B 118 5.09 -6.17 22.20
C ALA B 118 3.56 -6.30 22.21
N ALA B 119 2.83 -5.72 21.25
CA ALA B 119 1.38 -5.90 21.28
C ALA B 119 1.03 -7.31 20.84
N LYS B 120 -0.24 -7.64 20.98
CA LYS B 120 -0.64 -9.00 20.83
C LYS B 120 -1.29 -9.19 19.47
N THR B 121 -1.11 -10.39 18.90
CA THR B 121 -1.85 -10.82 17.73
C THR B 121 -3.35 -10.83 17.98
N THR B 122 -4.10 -10.19 17.09
CA THR B 122 -5.57 -10.10 17.20
C THR B 122 -6.24 -10.30 15.83
N PRO B 123 -7.13 -11.27 15.71
CA PRO B 123 -7.71 -11.50 14.38
C PRO B 123 -8.80 -10.43 14.16
N PRO B 124 -9.15 -10.15 12.90
CA PRO B 124 -10.13 -9.07 12.64
C PRO B 124 -11.57 -9.48 12.95
N SER B 125 -12.35 -8.56 13.46
CA SER B 125 -13.80 -8.61 13.38
C SER B 125 -14.26 -8.01 12.05
N VAL B 126 -15.00 -8.79 11.26
CA VAL B 126 -15.47 -8.41 9.96
C VAL B 126 -16.99 -8.18 9.96
N TYR B 127 -17.43 -7.00 9.56
CA TYR B 127 -18.84 -6.61 9.59
C TYR B 127 -19.25 -6.18 8.19
N PRO B 128 -20.48 -6.51 7.78
CA PRO B 128 -20.91 -6.09 6.46
C PRO B 128 -21.25 -4.62 6.43
N LEU B 129 -21.00 -3.98 5.30
CA LEU B 129 -21.46 -2.65 4.99
C LEU B 129 -22.44 -2.68 3.83
N ALA B 130 -23.71 -2.70 4.19
CA ALA B 130 -24.82 -2.68 3.22
C ALA B 130 -25.43 -1.26 3.19
N PRO B 131 -25.65 -0.70 2.02
CA PRO B 131 -25.96 0.75 1.98
C PRO B 131 -27.27 1.14 2.69
N GLY B 132 -27.27 2.26 3.41
CA GLY B 132 -28.50 2.86 4.02
C GLY B 132 -28.87 4.17 3.33
N SER B 133 -29.98 4.82 3.73
CA SER B 133 -30.41 6.17 3.21
C SER B 133 -29.68 6.59 1.88
N ALA B 134 -30.02 5.89 0.79
CA ALA B 134 -29.39 6.03 -0.53
C ALA B 134 -30.43 5.87 -1.69
N ALA B 135 -30.09 5.10 -2.73
CA ALA B 135 -30.94 4.89 -3.94
C ALA B 135 -31.09 6.14 -4.84
N GLN B 136 -30.02 6.48 -5.57
CA GLN B 136 -29.88 7.81 -6.22
C GLN B 136 -28.85 7.83 -7.40
N THR B 137 -28.70 9.00 -8.02
CA THR B 137 -27.65 9.32 -9.04
C THR B 137 -27.45 8.35 -10.25
N ASN B 138 -26.59 7.34 -10.12
CA ASN B 138 -26.26 6.42 -11.25
C ASN B 138 -26.89 5.04 -11.03
N SER B 139 -26.49 4.04 -11.79
CA SER B 139 -27.09 2.70 -11.67
C SER B 139 -26.16 1.65 -11.00
N MET B 140 -25.24 2.13 -10.17
CA MET B 140 -24.30 1.25 -9.49
C MET B 140 -24.75 1.19 -8.02
N VAL B 141 -24.31 0.17 -7.30
CA VAL B 141 -24.47 0.09 -5.87
C VAL B 141 -23.09 -0.15 -5.29
N THR B 142 -22.78 0.57 -4.22
CA THR B 142 -21.54 0.38 -3.47
C THR B 142 -21.78 -0.44 -2.17
N LEU B 143 -20.97 -1.48 -2.01
CA LEU B 143 -20.99 -2.30 -0.79
C LEU B 143 -19.59 -2.31 -0.13
N GLY B 144 -19.49 -2.83 1.08
CA GLY B 144 -18.20 -2.93 1.72
C GLY B 144 -18.15 -3.90 2.87
N CYS B 145 -16.97 -3.99 3.48
CA CYS B 145 -16.71 -4.85 4.61
C CYS B 145 -15.81 -4.05 5.48
N LEU B 146 -16.18 -3.91 6.75
CA LEU B 146 -15.39 -3.25 7.73
C LEU B 146 -14.55 -4.33 8.42
N VAL B 147 -13.24 -4.10 8.52
CA VAL B 147 -12.25 -5.10 9.02
C VAL B 147 -11.58 -4.45 10.19
N LYS B 148 -12.09 -4.76 11.36
CA LYS B 148 -11.88 -3.90 12.48
C LYS B 148 -11.10 -4.61 13.62
N GLY B 149 -10.17 -3.90 14.20
CA GLY B 149 -9.52 -4.33 15.43
C GLY B 149 -8.58 -5.51 15.30
N TYR B 150 -7.69 -5.49 14.34
CA TYR B 150 -6.74 -6.58 14.15
C TYR B 150 -5.32 -6.10 14.31
N PHE B 151 -4.40 -7.05 14.51
CA PHE B 151 -2.98 -6.82 14.72
C PHE B 151 -2.16 -8.10 14.49
N PRO B 152 -1.02 -8.01 13.78
CA PRO B 152 -0.50 -6.89 13.03
C PRO B 152 -1.04 -6.80 11.60
N GLU B 153 -0.55 -5.84 10.83
CA GLU B 153 -0.74 -5.89 9.40
C GLU B 153 0.03 -7.08 8.89
N PRO B 154 -0.33 -7.63 7.72
CA PRO B 154 -1.47 -7.12 6.92
C PRO B 154 -2.67 -8.01 6.91
N VAL B 155 -3.73 -7.51 6.28
CA VAL B 155 -4.80 -8.32 5.78
C VAL B 155 -4.85 -8.20 4.30
N THR B 156 -5.37 -9.27 3.70
CA THR B 156 -5.76 -9.32 2.32
C THR B 156 -7.29 -9.34 2.20
N VAL B 157 -7.82 -8.46 1.36
CA VAL B 157 -9.25 -8.46 1.04
C VAL B 157 -9.51 -8.70 -0.43
N THR B 158 -10.26 -9.73 -0.74
CA THR B 158 -10.83 -9.86 -2.09
C THR B 158 -12.35 -9.87 -2.02
N TRP B 159 -12.97 -9.74 -3.20
CA TRP B 159 -14.41 -9.83 -3.40
C TRP B 159 -14.74 -10.90 -4.43
N ASN B 160 -15.58 -11.87 -4.04
CA ASN B 160 -15.86 -13.10 -4.83
C ASN B 160 -14.61 -13.79 -5.34
N SER B 161 -13.67 -13.96 -4.42
CA SER B 161 -12.39 -14.62 -4.66
C SER B 161 -11.62 -13.97 -5.79
N GLY B 162 -11.69 -12.66 -5.91
CA GLY B 162 -10.98 -11.98 -7.00
C GLY B 162 -11.75 -11.62 -8.26
N SER B 163 -12.88 -12.28 -8.55
CA SER B 163 -13.63 -11.93 -9.77
C SER B 163 -13.99 -10.45 -9.85
N LEU B 164 -14.29 -9.80 -8.73
CA LEU B 164 -14.82 -8.42 -8.79
C LEU B 164 -13.78 -7.32 -8.69
N SER B 165 -12.51 -7.65 -8.63
CA SER B 165 -11.44 -6.64 -8.51
C SER B 165 -11.63 -5.29 -9.22
N SER B 166 -12.21 -5.26 -10.41
CA SER B 166 -12.19 -3.98 -11.13
C SER B 166 -12.98 -2.85 -10.43
N GLY B 167 -13.91 -3.17 -9.52
CA GLY B 167 -14.68 -2.13 -8.80
C GLY B 167 -14.30 -1.89 -7.33
N VAL B 168 -13.07 -2.29 -6.98
CA VAL B 168 -12.66 -2.45 -5.61
C VAL B 168 -11.74 -1.36 -5.14
N HIS B 169 -12.02 -0.78 -3.98
CA HIS B 169 -11.09 0.10 -3.25
C HIS B 169 -10.88 -0.50 -1.83
N THR B 170 -9.66 -0.81 -1.44
CA THR B 170 -9.37 -1.20 -0.10
C THR B 170 -8.60 -0.11 0.58
N PHE B 171 -9.11 0.45 1.66
CA PHE B 171 -8.45 1.57 2.26
C PHE B 171 -7.27 1.16 3.19
N PRO B 172 -6.28 2.04 3.35
CA PRO B 172 -5.18 1.73 4.25
C PRO B 172 -5.65 1.71 5.67
N ALA B 173 -5.10 0.78 6.44
CA ALA B 173 -5.47 0.59 7.80
C ALA B 173 -4.99 1.77 8.64
N VAL B 174 -5.83 2.20 9.57
CA VAL B 174 -5.50 3.21 10.54
C VAL B 174 -5.35 2.54 11.90
N LEU B 175 -4.32 2.95 12.61
CA LEU B 175 -3.93 2.30 13.85
C LEU B 175 -4.56 3.06 15.00
N GLN B 176 -5.48 2.43 15.73
CA GLN B 176 -6.09 3.04 16.92
C GLN B 176 -6.10 2.08 18.10
N SER B 177 -5.05 2.14 18.94
CA SER B 177 -5.01 1.44 20.25
C SER B 177 -4.30 0.09 20.20
N ASP B 178 -3.18 0.03 19.47
CA ASP B 178 -2.51 -1.22 19.07
C ASP B 178 -3.41 -2.13 18.30
N LEU B 179 -4.40 -1.55 17.61
CA LEU B 179 -5.29 -2.28 16.70
C LEU B 179 -5.48 -1.52 15.40
N TYR B 180 -5.53 -2.25 14.31
CA TYR B 180 -5.79 -1.62 13.03
C TYR B 180 -7.23 -1.80 12.65
N THR B 181 -7.71 -0.89 11.84
CA THR B 181 -9.05 -0.97 11.25
C THR B 181 -8.97 -0.49 9.79
N LEU B 182 -9.55 -1.25 8.88
CA LEU B 182 -9.81 -0.76 7.55
C LEU B 182 -11.20 -1.11 7.07
N SER B 183 -11.54 -0.51 5.93
CA SER B 183 -12.69 -0.89 5.14
C SER B 183 -12.25 -1.15 3.71
N SER B 184 -13.04 -1.98 3.04
CA SER B 184 -12.86 -2.23 1.61
C SER B 184 -14.24 -2.01 0.98
N SER B 185 -14.28 -1.36 -0.17
CA SER B 185 -15.51 -1.13 -0.89
C SER B 185 -15.51 -1.76 -2.25
N VAL B 186 -16.67 -2.23 -2.69
CA VAL B 186 -16.86 -2.74 -4.03
C VAL B 186 -18.11 -2.10 -4.62
N THR B 187 -17.99 -1.59 -5.85
CA THR B 187 -19.10 -0.98 -6.61
C THR B 187 -19.46 -1.91 -7.77
N VAL B 188 -20.70 -2.43 -7.79
CA VAL B 188 -21.19 -3.31 -8.85
C VAL B 188 -22.48 -2.75 -9.49
N PRO B 189 -22.89 -3.29 -10.69
CA PRO B 189 -24.17 -2.91 -11.34
C PRO B 189 -25.38 -3.17 -10.42
N SER B 190 -26.35 -2.26 -10.39
CA SER B 190 -27.56 -2.41 -9.54
C SER B 190 -28.33 -3.63 -9.85
N SER B 191 -28.10 -4.18 -11.02
CA SER B 191 -28.72 -5.42 -11.43
C SER B 191 -28.15 -6.68 -10.76
N THR B 192 -26.90 -6.65 -10.30
CA THR B 192 -26.24 -7.85 -9.79
C THR B 192 -26.30 -8.08 -8.26
N TRP B 193 -26.67 -7.06 -7.52
CA TRP B 193 -26.88 -7.23 -6.09
C TRP B 193 -28.09 -6.44 -5.78
N PRO B 194 -29.02 -6.99 -5.00
CA PRO B 194 -28.95 -8.23 -4.19
C PRO B 194 -29.32 -9.53 -4.89
N SER B 195 -29.36 -9.53 -6.20
CA SER B 195 -29.88 -10.70 -6.92
C SER B 195 -28.81 -11.76 -6.98
N GLU B 196 -27.58 -11.38 -6.70
CA GLU B 196 -26.45 -12.27 -6.81
C GLU B 196 -25.58 -12.11 -5.59
N THR B 197 -24.80 -13.13 -5.30
CA THR B 197 -23.86 -13.12 -4.16
C THR B 197 -22.67 -12.21 -4.36
N VAL B 198 -22.47 -11.29 -3.42
CA VAL B 198 -21.26 -10.53 -3.27
C VAL B 198 -20.72 -10.84 -1.86
N THR B 199 -19.48 -11.30 -1.84
CA THR B 199 -18.77 -11.81 -0.67
C THR B 199 -17.40 -11.23 -0.57
N CYS B 200 -17.05 -10.64 0.58
CA CYS B 200 -15.70 -10.24 0.76
C CYS B 200 -14.93 -11.36 1.48
N ASN B 201 -13.69 -11.54 1.06
CA ASN B 201 -12.82 -12.60 1.59
C ASN B 201 -11.68 -11.85 2.27
N VAL B 202 -11.55 -12.07 3.57
CA VAL B 202 -10.55 -11.39 4.37
C VAL B 202 -9.56 -12.47 4.82
N ALA B 203 -8.29 -12.28 4.55
CA ALA B 203 -7.29 -13.16 5.17
C ALA B 203 -6.35 -12.36 6.05
N HIS B 204 -6.08 -12.90 7.25
CA HIS B 204 -5.15 -12.32 8.23
C HIS B 204 -4.12 -13.41 8.59
N PRO B 205 -3.05 -13.47 7.81
CA PRO B 205 -2.04 -14.51 7.92
C PRO B 205 -1.38 -14.55 9.28
N ALA B 206 -1.19 -13.41 9.97
CA ALA B 206 -0.60 -13.45 11.32
C ALA B 206 -1.44 -14.26 12.33
N SER B 207 -2.77 -14.26 12.19
CA SER B 207 -3.59 -15.03 13.07
C SER B 207 -4.11 -16.31 12.39
N SER B 208 -3.65 -16.63 11.22
CA SER B 208 -4.08 -17.83 10.49
C SER B 208 -5.60 -17.96 10.39
N THR B 209 -6.19 -16.82 10.01
CA THR B 209 -7.64 -16.66 9.94
C THR B 209 -8.05 -16.26 8.58
N LYS B 210 -9.08 -16.91 8.05
CA LYS B 210 -9.74 -16.41 6.88
C LYS B 210 -11.23 -16.18 7.24
N VAL B 211 -11.82 -15.11 6.74
CA VAL B 211 -13.23 -14.84 6.94
C VAL B 211 -13.93 -14.55 5.60
N ASP B 212 -15.01 -15.28 5.34
CA ASP B 212 -15.91 -14.95 4.24
C ASP B 212 -17.18 -14.32 4.76
N LYS B 213 -17.55 -13.18 4.19
CA LYS B 213 -18.73 -12.48 4.63
C LYS B 213 -19.54 -12.10 3.43
N LYS B 214 -20.63 -12.81 3.25
CA LYS B 214 -21.61 -12.43 2.25
C LYS B 214 -22.34 -11.15 2.66
N ILE B 215 -22.45 -10.15 1.77
CA ILE B 215 -23.19 -8.93 2.07
C ILE B 215 -24.66 -9.13 1.66
N VAL B 216 -25.57 -9.14 2.63
CA VAL B 216 -26.97 -9.36 2.36
C VAL B 216 -27.72 -8.06 2.69
N PRO B 217 -28.77 -7.75 1.93
CA PRO B 217 -29.45 -6.47 2.18
C PRO B 217 -30.03 -6.32 3.57
N ARG B 218 -29.96 -5.10 4.09
CA ARG B 218 -30.68 -4.72 5.31
C ARG B 218 -32.19 -4.74 5.07
N ASP B 219 -32.92 -5.17 6.08
CA ASP B 219 -34.37 -5.13 6.09
C ASP B 219 -34.81 -4.90 7.53
N CYS B 220 -36.12 -4.79 7.70
CA CYS B 220 -36.74 -4.58 9.02
C CYS B 220 -37.07 -5.91 9.71
C1 BTB C . 15.36 -3.01 -24.89
O1 BTB C . 15.52 -3.69 -23.66
C2 BTB C . 15.13 -1.50 -24.65
C3 BTB C . 16.47 -0.85 -24.30
O3 BTB C . 17.13 -1.89 -23.58
C4 BTB C . 14.17 -1.42 -23.44
O4 BTB C . 13.28 -2.53 -23.57
N BTB C . 14.71 -0.67 -25.83
C5 BTB C . 14.84 -1.40 -27.11
C6 BTB C . 16.16 -2.11 -27.41
O6 BTB C . 16.08 -3.52 -27.11
C7 BTB C . 13.39 -0.04 -25.69
C8 BTB C . 13.58 1.37 -25.19
O8 BTB C . 14.86 1.81 -25.76
C1 PGE D . 28.78 -6.77 -3.59
O1 PGE D . 27.67 -6.17 -2.90
C2 PGE D . 28.27 -7.51 -4.82
O2 PGE D . 27.05 -6.89 -5.27
C3 PGE D . 27.24 -6.07 -6.46
C4 PGE D . 26.18 -4.99 -6.51
O4 PGE D . 24.79 -5.45 -2.70
C6 PGE D . 23.82 -4.94 -3.65
C5 PGE D . 24.51 -4.29 -4.86
O3 PGE D . 25.05 -5.31 -5.69
C1 PGE E . 26.72 -23.06 -5.78
O1 PGE E . 26.46 -22.90 -7.18
C2 PGE E . 26.21 -24.36 -5.18
O2 PGE E . 26.49 -24.40 -3.75
C3 PGE E . 25.52 -23.77 -2.94
C4 PGE E . 25.43 -24.15 -1.46
O4 PGE E . 22.22 -26.94 -0.80
C6 PGE E . 23.44 -26.17 -0.93
C5 PGE E . 23.04 -24.72 -1.17
O3 PGE E . 24.09 -23.75 -1.00
C1 PGE F . -17.49 -2.24 16.46
O1 PGE F . -17.22 -0.84 16.67
C2 PGE F . -16.77 -3.10 17.49
O2 PGE F . -16.01 -4.18 16.92
C3 PGE F . -15.11 -4.84 17.81
C4 PGE F . -13.63 -4.66 17.43
O4 PGE F . -10.79 -1.00 17.60
C6 PGE F . -11.29 -1.97 18.55
C5 PGE F . -11.66 -3.30 17.88
O3 PGE F . -12.92 -3.82 18.35
C1 BTB G . -2.09 -3.67 1.60
O1 BTB G . -1.23 -2.53 1.72
C2 BTB G . -3.59 -3.38 1.86
C3 BTB G . -4.31 -4.68 1.53
O3 BTB G . -5.28 -4.98 2.54
C4 BTB G . -4.08 -2.21 0.99
O4 BTB G . -4.30 -1.06 1.81
N BTB G . -4.01 -2.98 3.23
C5 BTB G . -4.42 -4.04 4.23
C6 BTB G . -3.29 -4.59 5.06
O6 BTB G . -2.26 -4.79 4.13
C7 BTB G . -3.05 -2.08 3.84
C8 BTB G . -3.81 -1.62 5.01
O8 BTB G . -2.80 -0.95 5.67
#